data_7E8R
#
_entry.id   7E8R
#
_cell.length_a   53.159
_cell.length_b   53.159
_cell.length_c   250.000
_cell.angle_alpha   90.000
_cell.angle_beta   90.000
_cell.angle_gamma   120.000
#
_symmetry.space_group_name_H-M   'P 32 2 1'
#
loop_
_entity.id
_entity.type
_entity.pdbx_description
1 polymer 'EcoT38I restriction endonuclease'
2 non-polymer GLYCEROL
3 water water
#
_entity_poly.entity_id   1
_entity_poly.type   'polypeptide(L)'
_entity_poly.pdbx_seq_one_letter_code
;MKVLVNHEQAYNVIINAINDAKKLTDYKTNNQWVSIQNVILGTHLTYRYILITGLLAKATDPRVNPLALQANAPVDGAYD
ARSLCHSVIVGKVEGPFLEGKLGASNEPFLNKPARYMLHSSDNPVRRGNDKVLQQLSIDILHAATTQTLAYEMLVIALYF
TLQRTNRVITPNSINFDFHKIIYNIISHPCDGETCAIAAAISLHLLGEQRGWIIKAHPVNQAGSSSKEILDIDVYHDDIV
FLSIEVKDKPFNYQDVNHAVSKASASGISKVIFLKGPRATNLDIDESLAIENAATKGVSLSFSDVMTFTTTCYALSPLLS
NDRIIDFINNTLKDIRAKDSTIEYIQSIFKN
;
_entity_poly.pdbx_strand_id   A
#
loop_
_chem_comp.id
_chem_comp.type
_chem_comp.name
_chem_comp.formula
GOL non-polymer GLYCEROL 'C3 H8 O3'
#
# COMPACT_ATOMS: atom_id res chain seq x y z
N MET A 1 -24.93 6.48 -20.27
CA MET A 1 -25.38 6.36 -18.90
C MET A 1 -24.33 5.71 -18.01
N LYS A 2 -23.89 6.43 -17.00
CA LYS A 2 -22.97 5.86 -16.01
C LYS A 2 -23.72 4.95 -15.05
N VAL A 3 -22.99 3.99 -14.49
CA VAL A 3 -23.49 3.02 -13.52
C VAL A 3 -22.83 3.33 -12.18
N LEU A 4 -23.64 3.43 -11.13
CA LEU A 4 -23.10 3.72 -9.80
C LEU A 4 -22.96 2.39 -9.07
N VAL A 5 -21.73 1.90 -8.98
CA VAL A 5 -21.46 0.60 -8.40
C VAL A 5 -21.52 0.69 -6.89
N ASN A 6 -22.21 -0.27 -6.27
CA ASN A 6 -22.34 -0.32 -4.82
C ASN A 6 -21.07 -0.93 -4.22
N HIS A 7 -20.28 -0.11 -3.51
CA HIS A 7 -18.98 -0.59 -3.04
C HIS A 7 -19.13 -1.58 -1.89
N GLU A 8 -20.21 -1.48 -1.12
CA GLU A 8 -20.44 -2.48 -0.08
CA GLU A 8 -20.43 -2.48 -0.07
C GLU A 8 -20.62 -3.87 -0.69
N GLN A 9 -21.45 -3.95 -1.73
CA GLN A 9 -21.62 -5.22 -2.44
C GLN A 9 -20.32 -5.67 -3.09
N ALA A 10 -19.58 -4.73 -3.69
CA ALA A 10 -18.32 -5.09 -4.35
C ALA A 10 -17.35 -5.71 -3.36
N TYR A 11 -17.26 -5.15 -2.15
CA TYR A 11 -16.41 -5.72 -1.11
C TYR A 11 -16.80 -7.16 -0.79
N ASN A 12 -18.10 -7.41 -0.60
CA ASN A 12 -18.53 -8.77 -0.32
C ASN A 12 -18.27 -9.70 -1.49
N VAL A 13 -18.40 -9.20 -2.72
CA VAL A 13 -18.11 -10.03 -3.88
C VAL A 13 -16.64 -10.46 -3.87
N ILE A 14 -15.72 -9.51 -3.67
CA ILE A 14 -14.31 -9.87 -3.82
C ILE A 14 -13.84 -10.73 -2.65
N ILE A 15 -14.40 -10.52 -1.45
CA ILE A 15 -14.10 -11.40 -0.31
C ILE A 15 -14.52 -12.83 -0.63
N ASN A 16 -15.74 -13.00 -1.14
CA ASN A 16 -16.18 -14.33 -1.57
C ASN A 16 -15.24 -14.90 -2.62
N ALA A 17 -14.82 -14.07 -3.58
CA ALA A 17 -13.98 -14.55 -4.67
C ALA A 17 -12.61 -14.98 -4.17
N ILE A 18 -12.04 -14.21 -3.25
CA ILE A 18 -10.77 -14.59 -2.64
C ILE A 18 -10.92 -15.92 -1.91
N ASN A 19 -12.00 -16.08 -1.14
CA ASN A 19 -12.24 -17.34 -0.46
C ASN A 19 -12.36 -18.50 -1.45
N ASP A 20 -13.09 -18.29 -2.56
CA ASP A 20 -13.14 -19.31 -3.60
C ASP A 20 -11.76 -19.58 -4.18
N ALA A 21 -10.96 -18.54 -4.41
CA ALA A 21 -9.64 -18.74 -4.98
C ALA A 21 -8.73 -19.51 -4.04
N LYS A 22 -8.87 -19.27 -2.73
CA LYS A 22 -7.99 -19.94 -1.77
C LYS A 22 -8.24 -21.45 -1.75
N LYS A 23 -9.44 -21.89 -2.11
CA LYS A 23 -9.77 -23.31 -2.14
C LYS A 23 -9.94 -23.83 -3.56
N LEU A 24 -9.65 -23.00 -4.56
CA LEU A 24 -9.89 -23.41 -5.94
C LEU A 24 -8.89 -24.49 -6.35
N THR A 25 -9.39 -25.51 -7.03
CA THR A 25 -8.56 -26.59 -7.56
C THR A 25 -8.50 -26.61 -9.07
N ASP A 26 -9.60 -26.35 -9.75
CA ASP A 26 -9.65 -26.29 -11.20
C ASP A 26 -9.69 -24.83 -11.63
N TYR A 27 -8.58 -24.31 -12.16
CA TYR A 27 -8.50 -22.95 -12.64
C TYR A 27 -8.61 -22.85 -14.16
N LYS A 28 -8.72 -23.98 -14.86
CA LYS A 28 -8.82 -23.99 -16.32
C LYS A 28 -10.27 -24.08 -16.78
N THR A 29 -11.18 -23.41 -16.09
CA THR A 29 -12.59 -23.57 -16.39
C THR A 29 -13.05 -22.77 -17.61
N ASN A 30 -12.23 -21.87 -18.14
CA ASN A 30 -12.59 -21.25 -19.41
C ASN A 30 -11.32 -20.85 -20.13
N ASN A 31 -11.46 -20.58 -21.43
CA ASN A 31 -10.31 -20.39 -22.29
C ASN A 31 -9.55 -19.09 -22.02
N GLN A 32 -10.08 -18.19 -21.19
CA GLN A 32 -9.34 -16.99 -20.82
C GLN A 32 -8.34 -17.22 -19.69
N TRP A 33 -8.26 -18.42 -19.11
CA TRP A 33 -7.42 -18.63 -17.95
C TRP A 33 -5.96 -18.42 -18.27
N VAL A 34 -5.55 -18.73 -19.51
CA VAL A 34 -4.16 -18.52 -19.91
C VAL A 34 -3.82 -17.05 -19.91
N SER A 35 -4.68 -16.24 -20.53
CA SER A 35 -4.47 -14.80 -20.55
C SER A 35 -4.49 -14.23 -19.14
N ILE A 36 -5.42 -14.70 -18.30
CA ILE A 36 -5.52 -14.24 -16.92
C ILE A 36 -4.21 -14.50 -16.18
N GLN A 37 -3.69 -15.72 -16.33
CA GLN A 37 -2.42 -16.04 -15.70
C GLN A 37 -1.30 -15.14 -16.19
N ASN A 38 -1.27 -14.86 -17.49
CA ASN A 38 -0.18 -14.07 -18.04
C ASN A 38 -0.26 -12.61 -17.58
N VAL A 39 -1.47 -12.05 -17.49
CA VAL A 39 -1.60 -10.68 -16.99
C VAL A 39 -1.25 -10.61 -15.51
N ILE A 40 -1.85 -11.48 -14.70
CA ILE A 40 -1.68 -11.39 -13.25
C ILE A 40 -0.24 -11.70 -12.84
N LEU A 41 0.38 -12.71 -13.46
CA LEU A 41 1.77 -13.00 -13.16
C LEU A 41 2.74 -12.07 -13.87
N GLY A 42 2.25 -11.26 -14.81
CA GLY A 42 3.09 -10.40 -15.61
C GLY A 42 3.63 -9.23 -14.81
N THR A 43 4.45 -8.43 -15.48
CA THR A 43 5.22 -7.36 -14.86
C THR A 43 4.57 -5.98 -14.93
N HIS A 44 3.40 -5.85 -15.55
CA HIS A 44 2.77 -4.54 -15.75
C HIS A 44 1.75 -4.32 -14.62
N LEU A 45 2.14 -3.52 -13.63
CA LEU A 45 1.32 -3.36 -12.44
C LEU A 45 -0.05 -2.78 -12.76
N THR A 46 -0.11 -1.74 -13.60
CA THR A 46 -1.39 -1.07 -13.81
C THR A 46 -2.40 -1.99 -14.50
N TYR A 47 -1.95 -2.84 -15.45
CA TYR A 47 -2.88 -3.77 -16.07
C TYR A 47 -3.41 -4.81 -15.08
N ARG A 48 -2.60 -5.18 -14.07
CA ARG A 48 -3.13 -6.09 -13.05
C ARG A 48 -4.30 -5.46 -12.31
N TYR A 49 -4.13 -4.21 -11.88
CA TYR A 49 -5.23 -3.54 -11.17
C TYR A 49 -6.42 -3.29 -12.09
N ILE A 50 -6.17 -2.85 -13.34
CA ILE A 50 -7.28 -2.66 -14.28
C ILE A 50 -8.07 -3.96 -14.45
N LEU A 51 -7.37 -5.09 -14.58
CA LEU A 51 -8.05 -6.37 -14.79
C LEU A 51 -8.89 -6.75 -13.58
N ILE A 52 -8.29 -6.72 -12.38
CA ILE A 52 -9.04 -7.07 -11.17
C ILE A 52 -10.22 -6.12 -11.00
N THR A 53 -10.02 -4.82 -11.24
CA THR A 53 -11.10 -3.86 -10.99
C THR A 53 -12.27 -4.09 -11.95
N GLY A 54 -11.97 -4.28 -13.23
CA GLY A 54 -13.03 -4.47 -14.21
C GLY A 54 -13.80 -5.74 -13.98
N LEU A 55 -13.10 -6.82 -13.62
CA LEU A 55 -13.80 -8.07 -13.31
C LEU A 55 -14.66 -7.91 -12.06
N LEU A 56 -14.11 -7.29 -11.02
CA LEU A 56 -14.91 -7.04 -9.82
C LEU A 56 -16.15 -6.20 -10.15
N ALA A 57 -15.98 -5.14 -10.96
CA ALA A 57 -17.14 -4.29 -11.26
C ALA A 57 -18.24 -5.09 -11.97
N LYS A 58 -17.86 -5.87 -12.97
CA LYS A 58 -18.86 -6.64 -13.71
C LYS A 58 -19.47 -7.72 -12.83
N ALA A 59 -18.66 -8.36 -11.97
CA ALA A 59 -19.22 -9.35 -11.07
C ALA A 59 -20.14 -8.73 -10.04
N THR A 60 -19.97 -7.45 -9.74
CA THR A 60 -20.85 -6.78 -8.79
C THR A 60 -22.10 -6.25 -9.47
N ASP A 61 -21.95 -5.55 -10.59
CA ASP A 61 -23.05 -4.93 -11.30
C ASP A 61 -22.86 -5.17 -12.79
N PRO A 62 -23.59 -6.13 -13.37
CA PRO A 62 -23.32 -6.48 -14.79
C PRO A 62 -23.71 -5.40 -15.76
N ARG A 63 -24.31 -4.30 -15.31
CA ARG A 63 -24.60 -3.20 -16.21
C ARG A 63 -23.36 -2.40 -16.57
N VAL A 64 -22.26 -2.55 -15.83
CA VAL A 64 -21.04 -1.82 -16.19
C VAL A 64 -20.47 -2.37 -17.50
N ASN A 65 -19.82 -1.49 -18.24
CA ASN A 65 -18.89 -1.87 -19.28
C ASN A 65 -17.53 -2.05 -18.64
N PRO A 66 -17.01 -3.28 -18.52
CA PRO A 66 -15.75 -3.50 -17.80
C PRO A 66 -14.53 -2.94 -18.52
N LEU A 67 -14.66 -2.44 -19.74
CA LEU A 67 -13.58 -1.74 -20.42
CA LEU A 67 -13.58 -1.74 -20.42
C LEU A 67 -13.55 -0.25 -20.09
N ALA A 68 -14.60 0.27 -19.45
CA ALA A 68 -14.60 1.68 -19.06
C ALA A 68 -13.68 1.90 -17.87
N LEU A 69 -12.83 2.92 -17.98
CA LEU A 69 -12.00 3.31 -16.86
C LEU A 69 -12.56 4.51 -16.10
N GLN A 70 -13.41 5.32 -16.73
CA GLN A 70 -13.94 6.52 -16.08
C GLN A 70 -15.44 6.61 -16.29
N ALA A 71 -16.12 7.22 -15.31
CA ALA A 71 -17.57 7.35 -15.36
C ALA A 71 -18.03 8.25 -16.49
N ASN A 72 -17.15 9.07 -17.05
CA ASN A 72 -17.52 9.92 -18.17
C ASN A 72 -17.13 9.32 -19.52
N ALA A 73 -16.70 8.06 -19.55
CA ALA A 73 -16.38 7.44 -20.83
C ALA A 73 -17.61 7.44 -21.73
N PRO A 74 -17.42 7.56 -23.07
CA PRO A 74 -18.54 7.64 -24.01
C PRO A 74 -19.12 6.28 -24.37
N VAL A 75 -19.43 5.48 -23.35
CA VAL A 75 -20.05 4.18 -23.53
C VAL A 75 -21.13 4.03 -22.48
N ASP A 76 -22.18 3.32 -22.82
CA ASP A 76 -23.14 2.94 -21.80
C ASP A 76 -22.45 2.01 -20.81
N GLY A 77 -22.76 2.18 -19.53
CA GLY A 77 -22.08 1.40 -18.51
C GLY A 77 -20.74 1.93 -18.06
N ALA A 78 -20.37 3.15 -18.46
CA ALA A 78 -19.21 3.79 -17.87
C ALA A 78 -19.36 3.82 -16.36
N TYR A 79 -18.24 3.81 -15.65
CA TYR A 79 -18.31 3.78 -14.19
C TYR A 79 -16.97 4.20 -13.62
N ASP A 80 -16.98 4.54 -12.34
CA ASP A 80 -15.82 5.16 -11.68
C ASP A 80 -14.90 4.03 -11.19
N ALA A 81 -14.07 3.54 -12.14
CA ALA A 81 -13.19 2.41 -11.83
C ALA A 81 -12.10 2.81 -10.83
N ARG A 82 -11.58 4.03 -10.96
CA ARG A 82 -10.61 4.50 -9.98
C ARG A 82 -11.15 4.40 -8.56
N SER A 83 -12.39 4.87 -8.36
CA SER A 83 -13.00 4.82 -7.03
C SER A 83 -13.16 3.39 -6.53
N LEU A 84 -13.65 2.49 -7.39
CA LEU A 84 -13.78 1.09 -6.98
C LEU A 84 -12.43 0.52 -6.57
N CYS A 85 -11.40 0.77 -7.37
CA CYS A 85 -10.10 0.16 -7.10
C CYS A 85 -9.46 0.75 -5.86
N HIS A 86 -9.48 2.08 -5.73
CA HIS A 86 -8.80 2.69 -4.58
C HIS A 86 -9.57 2.46 -3.29
N SER A 87 -10.89 2.66 -3.32
CA SER A 87 -11.70 2.50 -2.11
C SER A 87 -11.76 1.06 -1.65
N VAL A 88 -12.05 0.13 -2.56
CA VAL A 88 -12.36 -1.22 -2.12
C VAL A 88 -11.12 -2.10 -2.18
N ILE A 89 -10.52 -2.23 -3.37
CA ILE A 89 -9.42 -3.17 -3.54
C ILE A 89 -8.19 -2.72 -2.75
N VAL A 90 -7.73 -1.49 -2.99
CA VAL A 90 -6.59 -0.97 -2.24
C VAL A 90 -6.99 -0.67 -0.80
N GLY A 91 -8.11 0.03 -0.62
CA GLY A 91 -8.44 0.52 0.71
C GLY A 91 -8.77 -0.55 1.73
N LYS A 92 -9.37 -1.66 1.29
CA LYS A 92 -9.96 -2.61 2.22
C LYS A 92 -9.53 -4.05 2.06
N VAL A 93 -8.97 -4.46 0.92
CA VAL A 93 -8.91 -5.87 0.54
C VAL A 93 -7.48 -6.36 0.39
N GLU A 94 -6.65 -5.65 -0.39
CA GLU A 94 -5.39 -6.23 -0.83
C GLU A 94 -4.44 -6.46 0.34
N GLY A 95 -4.33 -5.47 1.22
CA GLY A 95 -3.48 -5.59 2.38
C GLY A 95 -3.89 -6.75 3.27
N PRO A 96 -5.11 -6.71 3.81
CA PRO A 96 -5.51 -7.74 4.78
C PRO A 96 -5.70 -9.12 4.18
N PHE A 97 -6.16 -9.25 2.93
CA PHE A 97 -6.55 -10.54 2.41
C PHE A 97 -5.70 -11.04 1.25
N LEU A 98 -4.89 -10.19 0.63
CA LEU A 98 -4.01 -10.64 -0.45
C LEU A 98 -2.54 -10.46 -0.13
N GLU A 99 -2.19 -10.07 1.10
CA GLU A 99 -0.79 -9.87 1.48
C GLU A 99 -0.05 -8.93 0.54
N GLY A 100 -0.74 -7.91 0.01
CA GLY A 100 -0.08 -7.01 -0.92
C GLY A 100 0.40 -7.65 -2.22
N LYS A 101 -0.17 -8.80 -2.60
CA LYS A 101 0.39 -9.57 -3.71
C LYS A 101 0.02 -9.04 -5.09
N LEU A 102 -0.94 -8.12 -5.20
CA LEU A 102 -1.17 -7.46 -6.49
C LEU A 102 -0.10 -6.43 -6.81
N GLY A 103 0.68 -6.00 -5.83
CA GLY A 103 1.67 -4.96 -6.06
C GLY A 103 1.71 -3.93 -4.95
N ALA A 104 0.73 -3.97 -4.05
CA ALA A 104 0.62 -3.03 -2.91
C ALA A 104 0.74 -1.58 -3.39
N SER A 105 0.09 -1.27 -4.49
CA SER A 105 0.09 0.09 -5.00
C SER A 105 -0.91 0.93 -4.21
N ASN A 106 -0.54 2.18 -3.92
CA ASN A 106 -1.45 3.03 -3.14
C ASN A 106 -2.51 3.66 -4.04
N GLU A 107 -2.11 4.15 -5.22
CA GLU A 107 -3.01 4.84 -6.14
C GLU A 107 -2.74 4.38 -7.57
N PRO A 108 -2.99 3.09 -7.86
CA PRO A 108 -2.66 2.58 -9.20
C PRO A 108 -3.43 3.24 -10.34
N PHE A 109 -4.63 3.79 -10.10
CA PHE A 109 -5.35 4.38 -11.22
C PHE A 109 -4.88 5.79 -11.54
N LEU A 110 -3.88 6.29 -10.83
CA LEU A 110 -3.18 7.49 -11.23
C LEU A 110 -2.01 7.21 -12.18
N ASN A 111 -1.65 5.94 -12.39
CA ASN A 111 -0.62 5.62 -13.38
C ASN A 111 -1.12 5.91 -14.79
N LYS A 112 -0.18 6.26 -15.67
CA LYS A 112 -0.55 6.68 -17.04
C LYS A 112 -1.45 5.72 -17.78
N PRO A 113 -1.26 4.39 -17.73
CA PRO A 113 -2.15 3.50 -18.49
C PRO A 113 -3.60 3.54 -18.02
N ALA A 114 -3.88 4.03 -16.81
CA ALA A 114 -5.25 4.09 -16.33
C ALA A 114 -5.92 5.43 -16.59
N ARG A 115 -5.17 6.42 -17.08
CA ARG A 115 -5.68 7.78 -17.24
C ARG A 115 -6.27 7.99 -18.63
N TYR A 116 -7.20 7.10 -18.97
CA TYR A 116 -7.97 7.15 -20.20
C TYR A 116 -9.43 6.91 -19.84
N MET A 117 -10.33 7.32 -20.75
CA MET A 117 -11.73 7.01 -20.53
C MET A 117 -12.02 5.55 -20.74
N LEU A 118 -11.34 4.92 -21.72
CA LEU A 118 -11.52 3.51 -22.03
C LEU A 118 -10.18 2.78 -22.04
N HIS A 119 -10.23 1.50 -21.67
CA HIS A 119 -9.08 0.61 -21.77
C HIS A 119 -9.08 0.01 -23.16
N SER A 120 -8.20 0.49 -24.03
CA SER A 120 -8.30 0.11 -25.44
C SER A 120 -6.93 0.10 -26.09
N SER A 121 -6.85 -0.64 -27.21
CA SER A 121 -5.61 -0.69 -27.96
C SER A 121 -5.22 0.65 -28.57
N ASP A 122 -6.12 1.64 -28.58
CA ASP A 122 -5.72 2.98 -28.99
C ASP A 122 -4.82 3.65 -27.97
N ASN A 123 -4.76 3.16 -26.75
CA ASN A 123 -3.88 3.81 -25.79
C ASN A 123 -2.43 3.40 -26.05
N PRO A 124 -1.49 4.33 -25.99
CA PRO A 124 -0.09 4.00 -26.29
C PRO A 124 0.53 3.08 -25.26
N VAL A 125 1.45 2.23 -25.73
CA VAL A 125 2.05 1.21 -24.87
C VAL A 125 3.36 0.79 -25.49
N ARG A 126 4.33 0.43 -24.65
CA ARG A 126 5.65 0.04 -25.12
C ARG A 126 5.59 -1.26 -25.92
N ARG A 127 6.35 -1.29 -27.01
CA ARG A 127 6.46 -2.49 -27.84
C ARG A 127 6.86 -3.67 -26.97
N GLY A 128 6.36 -4.84 -27.31
CA GLY A 128 6.83 -6.08 -26.70
C GLY A 128 5.88 -6.59 -25.63
N ASN A 129 6.42 -6.81 -24.43
CA ASN A 129 5.65 -7.42 -23.34
CA ASN A 129 5.63 -7.44 -23.38
C ASN A 129 4.45 -6.56 -22.95
N ASP A 130 4.69 -5.25 -22.76
CA ASP A 130 3.61 -4.35 -22.32
C ASP A 130 2.46 -4.35 -23.33
N LYS A 131 2.79 -4.28 -24.61
CA LYS A 131 1.76 -4.32 -25.66
C LYS A 131 0.97 -5.62 -25.60
N VAL A 132 1.64 -6.73 -25.32
CA VAL A 132 0.94 -8.02 -25.24
C VAL A 132 -0.02 -8.02 -24.06
N LEU A 133 0.45 -7.52 -22.92
CA LEU A 133 -0.41 -7.54 -21.72
C LEU A 133 -1.58 -6.58 -21.85
N GLN A 134 -1.37 -5.43 -22.51
CA GLN A 134 -2.48 -4.52 -22.77
C GLN A 134 -3.59 -5.26 -23.51
N GLN A 135 -3.23 -5.93 -24.60
CA GLN A 135 -4.26 -6.60 -25.39
C GLN A 135 -4.85 -7.79 -24.65
N LEU A 136 -4.04 -8.54 -23.89
CA LEU A 136 -4.60 -9.64 -23.12
C LEU A 136 -5.61 -9.14 -22.11
N SER A 137 -5.29 -8.07 -21.38
CA SER A 137 -6.23 -7.58 -20.39
C SER A 137 -7.50 -7.05 -21.06
N ILE A 138 -7.36 -6.40 -22.21
CA ILE A 138 -8.54 -6.01 -22.99
C ILE A 138 -9.38 -7.23 -23.36
N ASP A 139 -8.72 -8.29 -23.88
CA ASP A 139 -9.48 -9.46 -24.33
C ASP A 139 -10.25 -10.11 -23.18
N ILE A 140 -9.63 -10.24 -21.99
CA ILE A 140 -10.33 -10.85 -20.86
C ILE A 140 -11.56 -10.03 -20.48
N LEU A 141 -11.38 -8.72 -20.37
CA LEU A 141 -12.49 -7.86 -19.95
C LEU A 141 -13.60 -7.87 -21.00
N HIS A 142 -13.23 -7.93 -22.29
CA HIS A 142 -14.23 -8.05 -23.33
C HIS A 142 -15.01 -9.36 -23.22
N ALA A 143 -14.37 -10.40 -22.73
CA ALA A 143 -15.06 -11.67 -22.53
C ALA A 143 -15.94 -11.70 -21.30
N ALA A 144 -15.80 -10.73 -20.39
CA ALA A 144 -16.58 -10.69 -19.15
C ALA A 144 -17.93 -10.03 -19.43
N THR A 145 -18.77 -10.77 -20.18
CA THR A 145 -20.02 -10.23 -20.70
C THR A 145 -21.21 -10.48 -19.78
N THR A 146 -21.06 -11.34 -18.80
CA THR A 146 -22.10 -11.61 -17.84
C THR A 146 -21.49 -11.55 -16.45
N GLN A 147 -22.35 -11.37 -15.45
CA GLN A 147 -21.92 -11.33 -14.05
C GLN A 147 -21.23 -12.62 -13.63
N THR A 148 -21.78 -13.78 -14.05
CA THR A 148 -21.20 -15.04 -13.62
CA THR A 148 -21.20 -15.04 -13.62
C THR A 148 -19.86 -15.29 -14.29
N LEU A 149 -19.71 -14.89 -15.55
CA LEU A 149 -18.40 -15.02 -16.20
C LEU A 149 -17.38 -14.09 -15.56
N ALA A 150 -17.78 -12.86 -15.25
CA ALA A 150 -16.87 -11.95 -14.55
C ALA A 150 -16.41 -12.54 -13.23
N TYR A 151 -17.33 -13.10 -12.44
CA TYR A 151 -16.96 -13.69 -11.17
C TYR A 151 -16.05 -14.90 -11.35
N GLU A 152 -16.38 -15.78 -12.31
CA GLU A 152 -15.50 -16.93 -12.59
C GLU A 152 -14.08 -16.49 -12.91
N MET A 153 -13.94 -15.47 -13.74
CA MET A 153 -12.60 -15.03 -14.10
C MET A 153 -11.93 -14.26 -12.96
N LEU A 154 -12.72 -13.56 -12.13
CA LEU A 154 -12.17 -12.92 -10.95
C LEU A 154 -11.53 -13.92 -10.02
N VAL A 155 -12.21 -15.06 -9.80
CA VAL A 155 -11.65 -16.08 -8.91
C VAL A 155 -10.35 -16.64 -9.48
N ILE A 156 -10.31 -16.88 -10.79
CA ILE A 156 -9.07 -17.33 -11.42
C ILE A 156 -7.97 -16.30 -11.26
N ALA A 157 -8.31 -15.03 -11.49
CA ALA A 157 -7.29 -13.99 -11.38
C ALA A 157 -6.72 -13.92 -9.97
N LEU A 158 -7.57 -14.11 -8.96
CA LEU A 158 -7.10 -14.07 -7.57
C LEU A 158 -6.37 -15.34 -7.18
N TYR A 159 -6.74 -16.47 -7.81
CA TYR A 159 -5.98 -17.70 -7.62
C TYR A 159 -4.51 -17.49 -8.00
N PHE A 160 -4.26 -16.86 -9.15
CA PHE A 160 -2.89 -16.59 -9.54
C PHE A 160 -2.30 -15.41 -8.78
N THR A 161 -3.12 -14.43 -8.39
CA THR A 161 -2.59 -13.36 -7.56
C THR A 161 -1.90 -13.92 -6.33
N LEU A 162 -2.52 -14.92 -5.70
CA LEU A 162 -1.97 -15.54 -4.49
C LEU A 162 -0.63 -16.21 -4.74
N GLN A 163 -0.27 -16.49 -5.98
CA GLN A 163 1.02 -17.07 -6.30
C GLN A 163 2.11 -16.03 -6.48
N ARG A 164 1.77 -14.75 -6.54
CA ARG A 164 2.77 -13.73 -6.74
C ARG A 164 3.58 -13.53 -5.46
N THR A 165 4.76 -12.94 -5.61
CA THR A 165 5.56 -12.56 -4.45
C THR A 165 5.55 -11.04 -4.28
N ASN A 166 5.63 -10.62 -3.03
CA ASN A 166 5.52 -9.22 -2.66
C ASN A 166 6.85 -8.72 -2.11
N ARG A 167 7.92 -8.90 -2.89
CA ARG A 167 9.25 -8.44 -2.54
C ARG A 167 9.76 -7.51 -3.63
N VAL A 168 10.35 -6.40 -3.25
CA VAL A 168 10.75 -5.38 -4.21
C VAL A 168 12.23 -5.06 -4.16
N ILE A 169 12.98 -5.58 -3.19
CA ILE A 169 14.42 -5.44 -3.14
C ILE A 169 15.02 -6.85 -3.10
N THR A 170 16.11 -7.04 -3.84
CA THR A 170 16.84 -8.30 -3.81
C THR A 170 18.21 -8.16 -4.47
N ILE A 174 23.51 -13.21 -1.68
CA ILE A 174 24.83 -12.58 -1.68
C ILE A 174 24.94 -11.70 -0.45
N ASN A 175 25.98 -11.93 0.36
CA ASN A 175 26.21 -11.12 1.54
C ASN A 175 26.77 -9.77 1.15
N PHE A 176 25.89 -8.81 0.86
CA PHE A 176 26.30 -7.52 0.34
C PHE A 176 26.80 -6.64 1.48
N ASP A 177 27.12 -5.38 1.16
CA ASP A 177 27.66 -4.42 2.12
C ASP A 177 26.54 -3.68 2.83
N PHE A 178 25.71 -4.44 3.55
CA PHE A 178 24.55 -3.87 4.22
C PHE A 178 24.93 -2.74 5.17
N HIS A 179 26.17 -2.72 5.65
CA HIS A 179 26.63 -1.62 6.50
C HIS A 179 26.54 -0.28 5.79
N LYS A 180 27.18 -0.16 4.63
CA LYS A 180 27.27 1.14 3.97
C LYS A 180 25.92 1.57 3.40
N ILE A 181 25.11 0.62 2.94
CA ILE A 181 23.83 0.98 2.36
C ILE A 181 22.86 1.42 3.45
N ILE A 182 22.76 0.66 4.54
CA ILE A 182 21.85 1.01 5.62
C ILE A 182 22.17 2.41 6.15
N TYR A 183 23.45 2.73 6.28
CA TYR A 183 23.82 4.03 6.83
C TYR A 183 23.40 5.16 5.90
N ASN A 184 23.48 4.95 4.59
CA ASN A 184 23.04 6.01 3.68
C ASN A 184 21.53 6.20 3.76
N ILE A 185 20.78 5.11 3.92
CA ILE A 185 19.33 5.23 4.05
C ILE A 185 18.98 5.89 5.38
N ILE A 186 19.70 5.53 6.45
CA ILE A 186 19.50 6.17 7.75
C ILE A 186 19.69 7.67 7.64
N SER A 187 20.81 8.10 7.05
CA SER A 187 21.26 9.49 7.08
C SER A 187 20.87 10.30 5.84
N HIS A 188 20.01 9.75 4.96
CA HIS A 188 19.69 10.47 3.73
C HIS A 188 18.69 11.60 4.00
N PRO A 189 18.75 12.67 3.22
CA PRO A 189 17.75 13.75 3.39
C PRO A 189 16.37 13.29 2.97
N CYS A 190 15.54 12.93 3.95
CA CYS A 190 14.30 12.23 3.64
C CYS A 190 13.25 13.19 3.09
N ASP A 191 12.24 12.62 2.47
CA ASP A 191 11.14 13.41 1.92
C ASP A 191 9.88 12.57 1.94
N GLY A 192 8.81 13.14 2.47
CA GLY A 192 7.54 12.44 2.57
C GLY A 192 7.66 11.09 3.25
N GLU A 193 7.27 10.03 2.56
CA GLU A 193 7.26 8.72 3.20
C GLU A 193 8.65 8.11 3.32
N THR A 194 9.66 8.61 2.63
CA THR A 194 11.00 8.08 2.88
C THR A 194 11.46 8.38 4.30
N CYS A 195 10.88 9.41 4.94
CA CYS A 195 11.14 9.68 6.35
C CYS A 195 10.67 8.53 7.22
N ALA A 196 9.48 7.99 6.93
CA ALA A 196 8.98 6.88 7.71
C ALA A 196 9.83 5.63 7.49
N ILE A 197 10.28 5.39 6.25
CA ILE A 197 11.06 4.19 5.99
C ILE A 197 12.38 4.25 6.77
N ALA A 198 13.06 5.39 6.70
CA ALA A 198 14.31 5.54 7.45
C ALA A 198 14.07 5.34 8.94
N ALA A 199 13.02 5.99 9.48
CA ALA A 199 12.73 5.83 10.90
C ALA A 199 12.44 4.38 11.25
N ALA A 200 11.63 3.69 10.43
CA ALA A 200 11.35 2.28 10.71
C ALA A 200 12.63 1.44 10.69
N ILE A 201 13.51 1.66 9.71
CA ILE A 201 14.77 0.92 9.66
C ILE A 201 15.59 1.16 10.93
N SER A 202 15.70 2.43 11.35
CA SER A 202 16.44 2.75 12.57
C SER A 202 15.95 1.94 13.75
N LEU A 203 14.63 1.83 13.89
CA LEU A 203 14.07 1.12 15.03
C LEU A 203 14.38 -0.36 14.95
N HIS A 204 14.34 -0.91 13.73
CA HIS A 204 14.68 -2.30 13.55
C HIS A 204 16.13 -2.58 13.95
N LEU A 205 17.05 -1.72 13.52
CA LEU A 205 18.45 -1.87 13.90
C LEU A 205 18.60 -1.87 15.42
N LEU A 206 17.94 -0.92 16.08
CA LEU A 206 18.08 -0.77 17.52
C LEU A 206 17.42 -1.91 18.29
N GLY A 207 16.34 -2.48 17.77
CA GLY A 207 15.57 -3.40 18.56
C GLY A 207 15.54 -4.83 18.06
N GLU A 208 15.95 -5.05 16.81
CA GLU A 208 15.99 -6.40 16.23
C GLU A 208 16.50 -7.42 17.25
N GLN A 209 17.68 -7.15 17.82
CA GLN A 209 18.29 -8.03 18.81
C GLN A 209 17.62 -7.96 20.18
N ARG A 210 16.73 -7.01 20.41
CA ARG A 210 16.00 -6.90 21.67
C ARG A 210 14.58 -7.44 21.58
N GLY A 211 14.26 -8.18 20.52
CA GLY A 211 12.94 -8.74 20.35
C GLY A 211 11.90 -7.80 19.78
N TRP A 212 12.27 -6.58 19.40
CA TRP A 212 11.29 -5.62 18.91
C TRP A 212 10.77 -6.01 17.52
N ILE A 213 9.49 -5.75 17.31
CA ILE A 213 8.83 -5.87 16.01
C ILE A 213 8.26 -4.51 15.65
N ILE A 214 8.61 -4.01 14.48
CA ILE A 214 8.21 -2.69 14.03
C ILE A 214 7.18 -2.87 12.95
N LYS A 215 6.06 -2.15 13.07
CA LYS A 215 4.97 -2.24 12.11
C LYS A 215 4.57 -0.85 11.64
N ALA A 216 4.68 -0.60 10.34
CA ALA A 216 4.27 0.67 9.76
C ALA A 216 2.92 0.50 9.05
N HIS A 217 2.16 1.60 8.97
CA HIS A 217 0.81 1.59 8.43
C HIS A 217 0.68 2.66 7.36
N PRO A 218 -0.18 2.42 6.36
CA PRO A 218 -0.31 3.39 5.27
C PRO A 218 -1.02 4.65 5.72
N VAL A 219 -0.67 5.76 5.05
CA VAL A 219 -1.18 7.08 5.36
C VAL A 219 -2.66 7.19 5.01
N ASN A 220 -3.35 8.09 5.70
CA ASN A 220 -4.73 8.46 5.34
C ASN A 220 -5.68 7.28 5.53
N GLN A 221 -5.56 6.60 6.68
CA GLN A 221 -6.52 5.59 7.07
C GLN A 221 -7.85 6.25 7.44
N ALA A 222 -8.89 5.42 7.57
CA ALA A 222 -10.19 5.91 8.00
C ALA A 222 -10.14 6.28 9.49
N GLY A 223 -10.48 7.51 9.80
CA GLY A 223 -10.39 7.98 11.17
C GLY A 223 -9.03 8.53 11.56
N SER A 224 -8.16 8.76 10.59
CA SER A 224 -6.88 9.43 10.84
C SER A 224 -7.11 10.88 11.24
N SER A 225 -6.19 11.41 12.04
CA SER A 225 -6.31 12.80 12.49
C SER A 225 -5.97 13.79 11.37
N SER A 226 -5.11 13.39 10.43
CA SER A 226 -4.75 14.22 9.29
C SER A 226 -4.36 13.29 8.16
N LYS A 227 -4.23 13.86 6.96
CA LYS A 227 -4.02 13.06 5.75
C LYS A 227 -2.57 12.63 5.57
N GLU A 228 -1.62 13.30 6.20
CA GLU A 228 -0.21 13.10 5.92
C GLU A 228 0.52 12.34 7.02
N ILE A 229 -0.15 12.00 8.12
CA ILE A 229 0.56 11.40 9.26
C ILE A 229 0.69 9.90 9.02
N LEU A 230 1.79 9.31 9.49
CA LEU A 230 2.08 7.90 9.21
C LEU A 230 2.49 7.19 10.49
N ASP A 231 1.81 6.09 10.81
CA ASP A 231 1.90 5.41 12.10
C ASP A 231 2.93 4.29 12.05
N ILE A 232 3.78 4.24 13.08
CA ILE A 232 4.70 3.12 13.30
C ILE A 232 4.48 2.63 14.72
N ASP A 233 4.25 1.33 14.86
CA ASP A 233 4.10 0.71 16.16
C ASP A 233 5.32 -0.15 16.43
N VAL A 234 5.80 -0.11 17.68
CA VAL A 234 6.96 -0.88 18.11
C VAL A 234 6.47 -1.87 19.17
N TYR A 235 6.55 -3.16 18.85
CA TYR A 235 6.10 -4.23 19.72
C TYR A 235 7.29 -4.85 20.44
N HIS A 236 7.03 -5.39 21.63
CA HIS A 236 7.91 -6.33 22.29
C HIS A 236 7.01 -7.33 23.03
N ASP A 237 7.31 -8.62 22.87
CA ASP A 237 6.45 -9.67 23.44
C ASP A 237 5.02 -9.56 22.92
N ASP A 238 4.86 -8.98 21.73
CA ASP A 238 3.58 -8.81 21.04
C ASP A 238 2.68 -7.77 21.73
N ILE A 239 3.26 -6.87 22.53
CA ILE A 239 2.55 -5.72 23.09
C ILE A 239 3.22 -4.46 22.54
N VAL A 240 2.42 -3.53 22.04
CA VAL A 240 2.97 -2.23 21.66
C VAL A 240 3.43 -1.51 22.91
N PHE A 241 4.71 -1.11 22.94
CA PHE A 241 5.19 -0.27 24.03
C PHE A 241 5.50 1.15 23.58
N LEU A 242 5.59 1.40 22.26
CA LEU A 242 5.90 2.72 21.76
C LEU A 242 5.11 2.96 20.48
N SER A 243 4.43 4.09 20.42
CA SER A 243 3.70 4.47 19.21
C SER A 243 4.36 5.70 18.63
N ILE A 244 4.68 5.63 17.34
CA ILE A 244 5.40 6.70 16.67
C ILE A 244 4.52 7.23 15.56
N GLU A 245 4.55 8.55 15.38
CA GLU A 245 3.89 9.18 14.25
C GLU A 245 4.93 9.96 13.44
N VAL A 246 4.92 9.77 12.12
CA VAL A 246 5.81 10.49 11.22
C VAL A 246 4.98 11.39 10.32
N LYS A 247 5.38 12.65 10.21
CA LYS A 247 4.69 13.59 9.34
C LYS A 247 5.71 14.52 8.70
N ASP A 248 5.56 14.80 7.39
CA ASP A 248 6.44 15.74 6.70
C ASP A 248 5.72 17.06 6.39
N LYS A 249 4.70 17.34 7.19
CA LYS A 249 4.05 18.63 7.28
CA LYS A 249 3.96 18.60 7.28
C LYS A 249 3.80 18.88 8.77
N PRO A 250 3.69 20.13 9.18
CA PRO A 250 3.60 20.40 10.63
C PRO A 250 2.44 19.64 11.28
N PHE A 251 2.76 19.01 12.42
CA PHE A 251 1.71 18.39 13.23
C PHE A 251 0.73 19.44 13.73
N ASN A 252 -0.52 19.03 13.96
CA ASN A 252 -1.54 19.93 14.47
C ASN A 252 -2.13 19.35 15.75
N TYR A 253 -3.00 20.11 16.41
CA TYR A 253 -3.55 19.64 17.68
C TYR A 253 -4.42 18.40 17.51
N GLN A 254 -5.04 18.20 16.34
CA GLN A 254 -5.83 16.99 16.18
C GLN A 254 -4.94 15.76 16.10
N ASP A 255 -3.80 15.88 15.41
CA ASP A 255 -2.80 14.80 15.40
C ASP A 255 -2.44 14.40 16.82
N VAL A 256 -2.08 15.38 17.65
CA VAL A 256 -1.68 15.11 19.04
C VAL A 256 -2.83 14.46 19.79
N ASN A 257 -4.01 15.06 19.72
CA ASN A 257 -5.15 14.55 20.49
C ASN A 257 -5.44 13.11 20.11
N HIS A 258 -5.45 12.81 18.82
CA HIS A 258 -5.74 11.46 18.36
C HIS A 258 -4.70 10.46 18.86
N ALA A 259 -3.42 10.81 18.78
CA ALA A 259 -2.36 9.88 19.17
C ALA A 259 -2.36 9.65 20.68
N VAL A 260 -2.55 10.72 21.46
CA VAL A 260 -2.57 10.61 22.91
C VAL A 260 -3.77 9.78 23.35
N SER A 261 -4.96 10.11 22.83
CA SER A 261 -6.15 9.36 23.19
C SER A 261 -6.02 7.89 22.78
N LYS A 262 -5.44 7.63 21.61
CA LYS A 262 -5.34 6.26 21.14
C LYS A 262 -4.34 5.46 21.98
N ALA A 263 -3.23 6.09 22.37
CA ALA A 263 -2.26 5.39 23.23
C ALA A 263 -2.83 5.18 24.63
N SER A 264 -3.44 6.22 25.21
CA SER A 264 -3.98 6.11 26.56
C SER A 264 -5.01 4.98 26.64
N ALA A 265 -5.89 4.88 25.64
CA ALA A 265 -6.85 3.79 25.62
C ALA A 265 -6.15 2.43 25.61
N SER A 266 -5.23 2.23 24.66
CA SER A 266 -4.52 0.97 24.51
C SER A 266 -3.59 0.65 25.69
N GLY A 267 -3.34 1.59 26.59
CA GLY A 267 -2.37 1.36 27.64
C GLY A 267 -0.93 1.52 27.20
N ILE A 268 -0.69 2.21 26.09
CA ILE A 268 0.65 2.54 25.61
C ILE A 268 1.07 3.86 26.25
N SER A 269 2.26 3.88 26.86
CA SER A 269 2.67 5.02 27.68
C SER A 269 3.71 5.92 27.01
N LYS A 270 4.16 5.60 25.79
CA LYS A 270 5.19 6.35 25.11
C LYS A 270 4.72 6.67 23.70
N VAL A 271 4.79 7.94 23.33
CA VAL A 271 4.47 8.37 21.97
C VAL A 271 5.58 9.31 21.51
N ILE A 272 6.15 9.06 20.33
CA ILE A 272 7.11 9.95 19.72
C ILE A 272 6.52 10.49 18.43
N PHE A 273 6.57 11.80 18.26
CA PHE A 273 6.19 12.46 17.02
C PHE A 273 7.45 12.85 16.26
N LEU A 274 7.60 12.34 15.04
CA LEU A 274 8.81 12.60 14.25
C LEU A 274 8.50 13.56 13.11
N LYS A 275 9.25 14.65 13.04
CA LYS A 275 9.00 15.74 12.11
C LYS A 275 9.95 15.65 10.93
N GLY A 276 9.39 15.53 9.72
CA GLY A 276 10.19 15.59 8.53
C GLY A 276 10.76 16.97 8.32
N PRO A 277 11.66 17.11 7.35
CA PRO A 277 12.25 18.44 7.09
C PRO A 277 11.23 19.52 6.79
N ARG A 278 10.08 19.16 6.22
CA ARG A 278 9.03 20.14 5.96
C ARG A 278 8.01 20.21 7.08
N ALA A 279 8.31 19.63 8.25
CA ALA A 279 7.40 19.71 9.39
C ALA A 279 7.97 20.56 10.52
N THR A 280 9.00 21.37 10.25
CA THR A 280 9.73 22.04 11.33
C THR A 280 8.99 23.28 11.83
N ASN A 281 8.33 24.02 10.95
CA ASN A 281 7.64 25.23 11.36
C ASN A 281 6.38 24.84 12.15
N LEU A 282 6.38 25.12 13.44
CA LEU A 282 5.34 24.56 14.29
C LEU A 282 4.03 25.32 14.16
N ASP A 283 2.93 24.57 14.17
CA ASP A 283 1.60 25.12 14.37
C ASP A 283 1.13 24.90 15.80
N ILE A 284 1.90 24.19 16.62
CA ILE A 284 1.49 23.84 17.97
C ILE A 284 2.58 24.25 18.95
N ASP A 285 2.19 24.35 20.21
CA ASP A 285 3.11 24.52 21.34
C ASP A 285 3.44 23.11 21.82
N GLU A 286 4.64 22.64 21.50
CA GLU A 286 4.96 21.25 21.84
C GLU A 286 4.97 21.04 23.35
N SER A 287 5.43 22.03 24.11
CA SER A 287 5.46 21.92 25.57
C SER A 287 4.06 21.70 26.14
N LEU A 288 3.08 22.47 25.66
CA LEU A 288 1.69 22.29 26.10
C LEU A 288 1.20 20.88 25.81
N ALA A 289 1.44 20.40 24.60
CA ALA A 289 1.02 19.06 24.24
C ALA A 289 1.60 18.02 25.18
N ILE A 290 2.92 18.11 25.45
CA ILE A 290 3.56 17.15 26.34
C ILE A 290 2.93 17.21 27.73
N GLU A 291 2.71 18.41 28.24
CA GLU A 291 2.14 18.54 29.59
C GLU A 291 0.75 17.94 29.65
N ASN A 292 -0.11 18.29 28.67
CA ASN A 292 -1.44 17.71 28.64
C ASN A 292 -1.40 16.20 28.45
N ALA A 293 -0.47 15.70 27.62
CA ALA A 293 -0.36 14.25 27.43
C ALA A 293 -0.01 13.56 28.74
N ALA A 294 0.90 14.16 29.52
CA ALA A 294 1.27 13.56 30.80
C ALA A 294 0.05 13.39 31.71
N THR A 295 -0.86 14.38 31.71
CA THR A 295 -2.07 14.26 32.52
C THR A 295 -2.94 13.09 32.10
N LYS A 296 -2.84 12.66 30.84
CA LYS A 296 -3.51 11.45 30.38
C LYS A 296 -2.64 10.21 30.52
N GLY A 297 -1.53 10.30 31.27
CA GLY A 297 -0.65 9.17 31.48
C GLY A 297 0.11 8.71 30.24
N VAL A 298 0.38 9.62 29.30
CA VAL A 298 1.15 9.31 28.10
C VAL A 298 2.38 10.21 28.07
N SER A 299 3.55 9.61 27.88
CA SER A 299 4.79 10.36 27.75
C SER A 299 5.02 10.70 26.28
N LEU A 300 4.88 11.97 25.93
CA LEU A 300 4.96 12.41 24.53
C LEU A 300 6.25 13.18 24.30
N SER A 301 6.90 12.93 23.17
CA SER A 301 8.07 13.72 22.81
C SER A 301 8.08 13.93 21.31
N PHE A 302 8.91 14.91 20.91
CA PHE A 302 9.05 15.33 19.53
C PHE A 302 10.52 15.25 19.12
N SER A 303 10.76 14.85 17.88
CA SER A 303 12.11 14.92 17.32
C SER A 303 12.01 15.12 15.81
N ASP A 304 12.97 15.85 15.25
CA ASP A 304 13.19 15.77 13.82
C ASP A 304 13.53 14.34 13.44
N VAL A 305 13.10 13.93 12.23
CA VAL A 305 13.29 12.55 11.80
C VAL A 305 14.77 12.21 11.72
N MET A 306 15.56 13.07 11.08
CA MET A 306 16.95 12.72 10.81
C MET A 306 17.77 12.68 12.09
N THR A 307 17.42 13.48 13.08
CA THR A 307 18.05 13.37 14.40
C THR A 307 17.72 12.03 15.04
N PHE A 308 16.44 11.65 14.99
CA PHE A 308 16.02 10.38 15.57
C PHE A 308 16.73 9.21 14.90
N THR A 309 16.80 9.21 13.56
CA THR A 309 17.39 8.06 12.88
C THR A 309 18.88 7.95 13.19
N THR A 310 19.62 9.06 13.14
CA THR A 310 21.06 8.96 13.40
C THR A 310 21.34 8.63 14.86
N THR A 311 20.49 9.08 15.79
CA THR A 311 20.66 8.70 17.19
C THR A 311 20.42 7.21 17.39
N CYS A 312 19.34 6.66 16.81
CA CYS A 312 19.09 5.23 16.96
C CYS A 312 20.24 4.41 16.37
N TYR A 313 20.74 4.83 15.21
CA TYR A 313 21.86 4.12 14.58
C TYR A 313 23.08 4.10 15.50
N ALA A 314 23.39 5.24 16.13
CA ALA A 314 24.53 5.31 17.04
C ALA A 314 24.36 4.36 18.21
N LEU A 315 23.12 4.11 18.64
CA LEU A 315 22.85 3.31 19.82
C LEU A 315 22.68 1.83 19.51
N SER A 316 22.81 1.44 18.22
N SER A 316 22.83 1.43 18.24
CA SER A 316 22.46 0.09 17.76
CA SER A 316 22.48 0.11 17.75
C SER A 316 23.71 -0.77 17.58
C SER A 316 23.72 -0.77 17.60
N PRO A 317 23.58 -2.10 17.76
CA PRO A 317 24.72 -3.01 17.61
C PRO A 317 25.27 -3.10 16.19
N SER A 320 24.38 -8.77 12.69
CA SER A 320 24.11 -9.54 11.48
C SER A 320 22.94 -8.93 10.71
N ASN A 321 22.88 -9.23 9.42
CA ASN A 321 21.95 -8.58 8.50
C ASN A 321 21.21 -9.60 7.64
N ASP A 322 20.98 -10.79 8.18
CA ASP A 322 20.16 -11.82 7.54
C ASP A 322 18.66 -11.51 7.61
N ARG A 323 18.28 -10.32 8.06
CA ARG A 323 16.88 -9.98 8.22
C ARG A 323 16.53 -8.58 7.72
N ILE A 324 17.50 -7.79 7.28
CA ILE A 324 17.22 -6.40 6.91
C ILE A 324 16.44 -6.34 5.59
N ILE A 325 16.72 -7.24 4.66
CA ILE A 325 16.03 -7.20 3.37
C ILE A 325 14.55 -7.51 3.56
N ASP A 326 14.23 -8.60 4.26
CA ASP A 326 12.84 -8.94 4.51
C ASP A 326 12.13 -7.81 5.23
N PHE A 327 12.80 -7.18 6.21
CA PHE A 327 12.16 -6.11 6.95
C PHE A 327 11.81 -4.93 6.04
N ILE A 328 12.75 -4.53 5.19
CA ILE A 328 12.49 -3.41 4.29
C ILE A 328 11.37 -3.77 3.31
N ASN A 329 11.41 -4.98 2.75
CA ASN A 329 10.36 -5.41 1.83
C ASN A 329 8.99 -5.39 2.51
N ASN A 330 8.90 -5.91 3.72
CA ASN A 330 7.62 -5.91 4.42
C ASN A 330 7.16 -4.50 4.75
N THR A 331 8.08 -3.60 5.08
CA THR A 331 7.70 -2.23 5.44
C THR A 331 7.20 -1.48 4.22
N LEU A 332 7.92 -1.59 3.10
CA LEU A 332 7.49 -0.96 1.86
C LEU A 332 6.12 -1.48 1.43
N LYS A 333 5.88 -2.78 1.60
CA LYS A 333 4.57 -3.35 1.31
C LYS A 333 3.49 -2.75 2.19
N ASP A 334 3.72 -2.74 3.51
CA ASP A 334 2.68 -2.33 4.45
C ASP A 334 2.29 -0.86 4.28
N ILE A 335 3.21 0.02 3.86
CA ILE A 335 2.82 1.41 3.70
C ILE A 335 2.30 1.71 2.31
N ARG A 336 2.19 0.71 1.43
CA ARG A 336 1.89 0.90 0.01
C ARG A 336 2.76 2.02 -0.58
N ALA A 337 4.07 1.80 -0.48
CA ALA A 337 5.06 2.80 -0.86
C ALA A 337 4.90 3.22 -2.31
N LYS A 338 5.16 4.49 -2.57
CA LYS A 338 5.18 5.03 -3.92
C LYS A 338 6.35 4.45 -4.73
N ASP A 339 6.24 4.58 -6.06
CA ASP A 339 7.32 4.14 -6.94
C ASP A 339 8.62 4.89 -6.68
N SER A 340 8.54 6.21 -6.47
CA SER A 340 9.72 6.98 -6.11
C SER A 340 10.44 6.36 -4.92
N THR A 341 9.69 6.05 -3.86
CA THR A 341 10.28 5.43 -2.68
C THR A 341 10.89 4.08 -3.04
N ILE A 342 10.20 3.30 -3.85
CA ILE A 342 10.69 1.97 -4.23
C ILE A 342 11.95 2.10 -5.08
N GLU A 343 11.93 2.99 -6.07
CA GLU A 343 13.09 3.21 -6.91
C GLU A 343 14.29 3.70 -6.09
N TYR A 344 14.04 4.56 -5.10
CA TYR A 344 15.15 5.04 -4.27
C TYR A 344 15.81 3.89 -3.52
N ILE A 345 15.00 3.03 -2.89
CA ILE A 345 15.56 1.90 -2.15
C ILE A 345 16.24 0.92 -3.09
N GLN A 346 15.65 0.67 -4.26
CA GLN A 346 16.30 -0.21 -5.23
C GLN A 346 17.61 0.39 -5.71
N SER A 347 17.64 1.71 -5.95
CA SER A 347 18.83 2.33 -6.52
C SER A 347 20.00 2.27 -5.56
N ILE A 348 19.75 2.59 -4.29
CA ILE A 348 20.81 2.67 -3.31
C ILE A 348 21.33 1.30 -2.90
N PHE A 349 20.60 0.23 -3.22
CA PHE A 349 21.07 -1.13 -3.00
C PHE A 349 21.93 -1.66 -4.15
N LYS A 350 21.87 -1.04 -5.33
CA LYS A 350 22.79 -1.38 -6.41
C LYS A 350 23.98 -0.43 -6.49
N ASN A 351 23.86 0.78 -5.97
CA ASN A 351 24.94 1.76 -5.96
C ASN A 351 25.98 1.44 -4.88
C1 GOL B . 10.21 -2.06 26.88
O1 GOL B . 9.31 -3.06 26.55
C2 GOL B . 11.22 -2.01 25.73
O2 GOL B . 11.94 -3.20 25.63
C3 GOL B . 12.10 -0.77 26.01
O3 GOL B . 13.41 -1.06 25.57
C1 GOL C . -20.23 -5.34 -22.01
O1 GOL C . -19.90 -6.27 -20.97
C2 GOL C . -20.96 -4.07 -21.37
O2 GOL C . -20.93 -2.96 -22.18
C3 GOL C . -22.44 -4.51 -21.05
O3 GOL C . -23.06 -3.42 -20.41
C1 GOL D . -9.33 7.59 -4.71
O1 GOL D . -8.68 8.32 -5.71
C2 GOL D . -10.84 7.72 -4.98
O2 GOL D . -11.12 7.76 -6.34
C3 GOL D . -11.49 6.55 -4.26
O3 GOL D . -12.88 6.85 -4.16
C1 GOL E . -22.10 -15.11 -6.25
O1 GOL E . -21.43 -15.95 -7.16
C2 GOL E . -21.29 -13.80 -6.16
O2 GOL E . -22.12 -12.67 -6.16
C3 GOL E . -20.46 -13.91 -4.86
O3 GOL E . -20.78 -12.79 -4.09
C1 GOL F . -21.94 -14.39 -23.82
O1 GOL F . -22.92 -15.16 -23.19
C2 GOL F . -22.63 -13.06 -24.27
O2 GOL F . -22.99 -12.28 -23.19
C3 GOL F . -21.61 -12.36 -25.21
O3 GOL F . -22.17 -11.13 -25.64
C1 GOL G . 10.59 17.43 22.47
O1 GOL G . 9.82 16.51 23.13
C2 GOL G . 12.08 17.00 22.75
O2 GOL G . 12.48 17.35 24.03
C3 GOL G . 12.89 17.72 21.66
O3 GOL G . 13.13 19.00 22.16
C1 GOL H . 3.98 -8.03 16.39
O1 GOL H . 4.80 -9.00 16.99
C2 GOL H . 2.70 -8.73 15.88
O2 GOL H . 1.81 -9.04 16.93
C3 GOL H . 2.09 -7.74 14.86
O3 GOL H . 0.73 -8.06 14.75
C1 GOL I . -2.97 19.36 24.01
O1 GOL I . -3.79 20.00 24.97
C2 GOL I . -3.90 19.05 22.79
O2 GOL I . -3.22 18.50 21.72
C3 GOL I . -5.00 18.10 23.33
O3 GOL I . -6.22 18.72 23.02
C1 GOL J . -4.87 9.64 -0.33
O1 GOL J . -5.11 9.94 -1.67
C2 GOL J . -3.68 8.66 -0.27
O2 GOL J . -2.54 9.26 0.27
C3 GOL J . -4.21 7.45 0.57
O3 GOL J . -3.10 6.78 1.09
C1 GOL K . 5.19 9.94 6.05
O1 GOL K . 6.51 10.43 6.16
C2 GOL K . 4.37 10.99 5.27
O2 GOL K . 4.85 11.15 3.98
C3 GOL K . 4.57 12.25 6.10
O3 GOL K . 3.68 13.21 5.65
#